data_3HYU
#
_entry.id   3HYU
#
_cell.length_a   83.540
_cell.length_b   89.950
_cell.length_c   82.720
_cell.angle_alpha   90.000
_cell.angle_beta   90.000
_cell.angle_gamma   90.000
#
_symmetry.space_group_name_H-M   'C 2 2 21'
#
loop_
_entity.id
_entity.type
_entity.pdbx_description
1 polymer 'Hemoglobin subunit alpha'
2 polymer 'Hemoglobin subunit beta'
3 non-polymer 'PROTOPORPHYRIN IX CONTAINING FE'
4 non-polymer 'PHOSPHATE ION'
5 water water
#
loop_
_entity_poly.entity_id
_entity_poly.type
_entity_poly.pdbx_seq_one_letter_code
_entity_poly.pdbx_strand_id
1 'polypeptide(L)'
;VLSAADKNNVKTTWDKIGGHAAEYVAEGLTRMFTSFPTTKTYFHHIDVSPGSGDIKAHGKKVADALTTAVGHLDDLPTAL
STLSDVHAHKLRVDPVNFKFLNHCLLVTLAAHLGADFTPSIHASLDKFFASVSTVLTSKYR
;
A
2 'polypeptide(L)'
;VHLTAAEKSAILDLWGKVNVGEIGAEALGRLLVVYPWTQRFFEKFGDLSSASAIMSNAHVKSHGAKVLASFSEGLKHLQD
LKGTFAKLSELHCDKLHVDPENFRLLGNMIVIALAHHHPSEFTPCTQAAFQKVTAGVANALAHKYH
;
B
#
loop_
_chem_comp.id
_chem_comp.type
_chem_comp.name
_chem_comp.formula
HEM non-polymer 'PROTOPORPHYRIN IX CONTAINING FE' 'C34 H32 Fe N4 O4'
PO4 non-polymer 'PHOSPHATE ION' 'O4 P -3'
#
# COMPACT_ATOMS: atom_id res chain seq x y z
N VAL A 1 -0.49 -5.97 -17.12
CA VAL A 1 -1.64 -6.27 -18.03
C VAL A 1 -2.88 -6.56 -17.17
N LEU A 2 -3.95 -5.81 -17.42
CA LEU A 2 -5.24 -6.02 -16.73
C LEU A 2 -6.06 -7.05 -17.48
N SER A 3 -6.65 -7.99 -16.74
CA SER A 3 -7.66 -8.91 -17.27
C SER A 3 -8.99 -8.19 -17.46
N ALA A 4 -9.94 -8.79 -18.18
CA ALA A 4 -11.27 -8.17 -18.28
C ALA A 4 -11.91 -8.13 -16.89
N ALA A 5 -11.65 -9.14 -16.06
CA ALA A 5 -12.17 -9.11 -14.70
C ALA A 5 -11.57 -7.92 -13.91
N ASP A 6 -10.28 -7.66 -14.11
CA ASP A 6 -9.67 -6.48 -13.46
C ASP A 6 -10.37 -5.22 -13.94
N LYS A 7 -10.59 -5.12 -15.25
CA LYS A 7 -11.22 -3.92 -15.81
C LYS A 7 -12.62 -3.74 -15.22
N ASN A 8 -13.37 -4.83 -15.10
CA ASN A 8 -14.69 -4.74 -14.49
C ASN A 8 -14.63 -4.33 -13.01
N ASN A 9 -13.66 -4.88 -12.27
CA ASN A 9 -13.48 -4.49 -10.86
C ASN A 9 -13.19 -2.99 -10.71
N VAL A 10 -12.33 -2.47 -11.61
CA VAL A 10 -11.98 -1.05 -11.59
C VAL A 10 -13.19 -0.18 -11.94
N LYS A 11 -13.87 -0.51 -13.03
CA LYS A 11 -15.05 0.28 -13.42
C LYS A 11 -16.14 0.30 -12.35
N THR A 12 -16.46 -0.87 -11.82
CA THR A 12 -17.55 -0.97 -10.83
C THR A 12 -17.21 -0.21 -9.54
N THR A 13 -15.97 -0.36 -9.07
CA THR A 13 -15.54 0.31 -7.83
C THR A 13 -15.47 1.82 -8.03
N TRP A 14 -14.90 2.24 -9.15
CA TRP A 14 -14.80 3.69 -9.42
C TRP A 14 -16.20 4.30 -9.48
N ASP A 15 -17.14 3.55 -10.04
CA ASP A 15 -18.50 4.07 -10.20
C ASP A 15 -19.17 4.21 -8.86
N LYS A 16 -18.92 3.25 -7.96
CA LYS A 16 -19.45 3.27 -6.60
C LYS A 16 -18.89 4.45 -5.82
N ILE A 17 -17.61 4.73 -6.00
CA ILE A 17 -16.97 5.88 -5.38
C ILE A 17 -17.62 7.15 -5.89
N GLY A 18 -17.87 7.20 -7.21
CA GLY A 18 -18.65 8.29 -7.78
C GLY A 18 -18.11 9.66 -7.41
N GLY A 19 -18.98 10.53 -6.91
CA GLY A 19 -18.60 11.92 -6.65
C GLY A 19 -17.67 12.14 -5.47
N HIS A 20 -17.38 11.06 -4.73
CA HIS A 20 -16.39 11.14 -3.63
C HIS A 20 -14.94 11.07 -4.14
N ALA A 21 -14.76 10.83 -5.43
CA ALA A 21 -13.39 10.62 -5.93
C ALA A 21 -12.45 11.79 -5.58
N ALA A 22 -12.89 13.03 -5.81
CA ALA A 22 -12.00 14.16 -5.56
C ALA A 22 -11.59 14.25 -4.09
N GLU A 23 -12.56 14.08 -3.19
CA GLU A 23 -12.32 14.10 -1.75
C GLU A 23 -11.34 12.98 -1.36
N TYR A 24 -11.55 11.78 -1.93
CA TYR A 24 -10.65 10.65 -1.59
C TYR A 24 -9.25 10.87 -2.11
N VAL A 25 -9.12 11.40 -3.32
CA VAL A 25 -7.77 11.69 -3.84
C VAL A 25 -7.04 12.78 -3.03
N ALA A 26 -7.75 13.81 -2.59
CA ALA A 26 -7.14 14.82 -1.71
C ALA A 26 -6.60 14.17 -0.44
N GLU A 27 -7.38 13.26 0.15
CA GLU A 27 -6.91 12.53 1.33
C GLU A 27 -5.66 11.72 0.98
N GLY A 28 -5.67 11.05 -0.17
CA GLY A 28 -4.50 10.28 -0.61
C GLY A 28 -3.24 11.15 -0.73
N LEU A 29 -3.39 12.34 -1.29
CA LEU A 29 -2.26 13.29 -1.40
C LEU A 29 -1.75 13.68 0.00
N THR A 30 -2.67 13.99 0.91
CA THR A 30 -2.24 14.34 2.28
C THR A 30 -1.55 13.15 2.95
N ARG A 31 -2.08 11.94 2.74
CA ARG A 31 -1.39 10.77 3.27
C ARG A 31 0.05 10.62 2.69
N MET A 32 0.19 10.87 1.39
CA MET A 32 1.49 10.81 0.73
C MET A 32 2.46 11.86 1.31
N PHE A 33 2.02 13.10 1.40
CA PHE A 33 2.87 14.18 1.93
C PHE A 33 3.31 13.91 3.39
N THR A 34 2.45 13.23 4.14
CA THR A 34 2.69 12.99 5.56
C THR A 34 3.59 11.77 5.76
N SER A 35 3.26 10.66 5.09
CA SER A 35 4.03 9.42 5.24
C SER A 35 5.36 9.44 4.47
N PHE A 36 5.41 10.21 3.37
CA PHE A 36 6.57 10.22 2.48
C PHE A 36 6.94 11.67 2.18
N PRO A 37 7.46 12.39 3.18
CA PRO A 37 7.64 13.85 3.09
C PRO A 37 8.51 14.32 1.94
N THR A 38 9.40 13.46 1.42
CA THR A 38 10.22 13.85 0.24
C THR A 38 9.35 14.17 -1.00
N THR A 39 8.10 13.73 -1.00
CA THR A 39 7.22 14.02 -2.13
C THR A 39 6.81 15.49 -2.17
N LYS A 40 6.91 16.18 -1.03
CA LYS A 40 6.50 17.58 -0.95
C LYS A 40 7.32 18.47 -1.88
N THR A 41 8.54 18.03 -2.22
CA THR A 41 9.43 18.83 -3.10
C THR A 41 8.78 19.22 -4.43
N TYR A 42 7.91 18.36 -4.96
CA TYR A 42 7.24 18.65 -6.23
C TYR A 42 6.12 19.67 -6.10
N PHE A 43 5.71 19.94 -4.86
CA PHE A 43 4.55 20.80 -4.61
C PHE A 43 4.92 22.03 -3.79
N HIS A 44 6.14 22.52 -3.99
CA HIS A 44 6.62 23.70 -3.26
C HIS A 44 5.78 24.94 -3.54
N HIS A 45 5.08 24.96 -4.67
CA HIS A 45 4.32 26.12 -5.14
C HIS A 45 2.94 26.30 -4.51
N ILE A 46 2.43 25.27 -3.81
CA ILE A 46 1.09 25.33 -3.21
C ILE A 46 1.12 25.11 -1.68
N ASP A 47 0.00 25.45 -1.03
CA ASP A 47 -0.18 25.19 0.39
C ASP A 47 -0.52 23.71 0.54
N VAL A 48 0.39 22.94 1.15
CA VAL A 48 0.17 21.50 1.37
C VAL A 48 -0.21 21.15 2.81
N SER A 49 -0.74 22.14 3.54
CA SER A 49 -1.28 21.84 4.88
C SER A 49 -2.46 20.88 4.76
N PRO A 50 -2.64 19.98 5.74
CA PRO A 50 -3.79 19.09 5.68
C PRO A 50 -5.08 19.90 5.57
N GLY A 51 -5.95 19.52 4.65
CA GLY A 51 -7.23 20.20 4.44
C GLY A 51 -7.21 21.45 3.60
N SER A 52 -6.05 21.78 3.03
CA SER A 52 -5.92 23.04 2.29
C SER A 52 -6.79 23.07 1.01
N GLY A 53 -7.21 24.27 0.61
CA GLY A 53 -7.92 24.43 -0.65
C GLY A 53 -7.08 24.03 -1.86
N ASP A 54 -5.77 24.27 -1.80
CA ASP A 54 -4.88 23.89 -2.89
C ASP A 54 -4.86 22.36 -3.06
N ILE A 55 -4.85 21.61 -1.95
CA ILE A 55 -4.86 20.13 -2.06
C ILE A 55 -6.22 19.66 -2.58
N LYS A 56 -7.30 20.29 -2.13
CA LYS A 56 -8.63 19.93 -2.66
C LYS A 56 -8.67 20.13 -4.18
N ALA A 57 -8.18 21.29 -4.64
CA ALA A 57 -8.17 21.58 -6.07
C ALA A 57 -7.30 20.59 -6.85
N HIS A 58 -6.12 20.28 -6.33
CA HIS A 58 -5.26 19.33 -7.02
C HIS A 58 -5.86 17.93 -7.01
N GLY A 59 -6.49 17.55 -5.90
CA GLY A 59 -7.16 16.25 -5.79
C GLY A 59 -8.23 16.11 -6.87
N LYS A 60 -8.97 17.20 -7.12
CA LYS A 60 -9.95 17.16 -8.21
C LYS A 60 -9.28 16.89 -9.56
N LYS A 61 -8.19 17.59 -9.86
CA LYS A 61 -7.45 17.36 -11.13
C LYS A 61 -7.01 15.90 -11.30
N VAL A 62 -6.42 15.35 -10.24
CA VAL A 62 -5.93 13.98 -10.27
C VAL A 62 -7.10 12.98 -10.39
N ALA A 63 -8.17 13.19 -9.61
CA ALA A 63 -9.34 12.33 -9.74
C ALA A 63 -9.90 12.33 -11.15
N ASP A 64 -9.97 13.51 -11.76
CA ASP A 64 -10.58 13.60 -13.10
C ASP A 64 -9.70 12.88 -14.13
N ALA A 65 -8.38 12.92 -13.94
CA ALA A 65 -7.45 12.19 -14.79
C ALA A 65 -7.60 10.68 -14.58
N LEU A 66 -7.76 10.25 -13.33
CA LEU A 66 -8.03 8.83 -13.08
C LEU A 66 -9.36 8.42 -13.74
N THR A 67 -10.34 9.31 -13.78
CA THR A 67 -11.61 9.03 -14.48
C THR A 67 -11.37 8.80 -15.99
N THR A 68 -10.54 9.66 -16.59
CA THR A 68 -10.14 9.48 -17.98
C THR A 68 -9.51 8.09 -18.16
N ALA A 69 -8.66 7.68 -17.22
CA ALA A 69 -8.01 6.38 -17.38
C ALA A 69 -9.05 5.24 -17.29
N VAL A 70 -9.97 5.33 -16.32
CA VAL A 70 -10.99 4.29 -16.15
C VAL A 70 -11.84 4.17 -17.43
N GLY A 71 -12.05 5.29 -18.13
CA GLY A 71 -12.78 5.27 -19.40
C GLY A 71 -12.02 4.83 -20.65
N HIS A 72 -10.72 4.53 -20.49
CA HIS A 72 -9.84 4.17 -21.60
C HIS A 72 -8.88 3.03 -21.23
N LEU A 73 -9.41 2.02 -20.55
CA LEU A 73 -8.58 0.91 -20.06
C LEU A 73 -7.91 0.08 -21.16
N ASP A 74 -8.43 0.14 -22.39
CA ASP A 74 -7.85 -0.63 -23.51
C ASP A 74 -6.70 0.14 -24.17
N ASP A 75 -6.60 1.44 -23.88
CA ASP A 75 -5.52 2.25 -24.47
C ASP A 75 -5.11 3.45 -23.62
N LEU A 76 -4.46 3.16 -22.50
CA LEU A 76 -4.02 4.21 -21.59
C LEU A 76 -2.96 5.14 -22.22
N PRO A 77 -2.05 4.61 -23.05
CA PRO A 77 -1.03 5.53 -23.57
C PRO A 77 -1.64 6.68 -24.42
N THR A 78 -2.63 6.39 -25.25
CA THR A 78 -3.25 7.43 -26.06
C THR A 78 -3.99 8.42 -25.16
N ALA A 79 -4.77 7.89 -24.22
CA ALA A 79 -5.59 8.75 -23.38
C ALA A 79 -4.79 9.66 -22.44
N LEU A 80 -3.63 9.18 -21.99
CA LEU A 80 -2.83 9.92 -21.00
C LEU A 80 -1.60 10.60 -21.58
N SER A 81 -1.54 10.71 -22.90
CA SER A 81 -0.34 11.23 -23.56
C SER A 81 0.09 12.60 -23.02
N THR A 82 -0.84 13.53 -22.92
CA THR A 82 -0.45 14.86 -22.45
C THR A 82 0.04 14.83 -21.00
N LEU A 83 -0.53 13.95 -20.18
CA LEU A 83 -0.08 13.84 -18.81
C LEU A 83 1.29 13.17 -18.67
N SER A 84 1.63 12.26 -19.59
CA SER A 84 2.99 11.73 -19.62
C SER A 84 3.99 12.84 -19.93
N ASP A 85 3.65 13.70 -20.90
CA ASP A 85 4.50 14.85 -21.17
C ASP A 85 4.75 15.66 -19.90
N VAL A 86 3.70 15.91 -19.12
CA VAL A 86 3.85 16.67 -17.89
C VAL A 86 4.78 15.96 -16.90
N HIS A 87 4.55 14.68 -16.67
CA HIS A 87 5.20 14.04 -15.54
C HIS A 87 6.57 13.47 -15.89
N ALA A 88 6.75 13.07 -17.15
CA ALA A 88 8.04 12.48 -17.55
C ALA A 88 8.97 13.54 -18.15
N HIS A 89 8.46 14.30 -19.11
CA HIS A 89 9.28 15.30 -19.81
C HIS A 89 9.50 16.58 -19.02
N LYS A 90 8.43 17.19 -18.55
CA LYS A 90 8.55 18.48 -17.87
C LYS A 90 9.05 18.37 -16.42
N LEU A 91 8.39 17.56 -15.59
CA LEU A 91 8.69 17.52 -14.17
C LEU A 91 9.72 16.47 -13.74
N ARG A 92 9.97 15.50 -14.61
CA ARG A 92 10.97 14.47 -14.31
C ARG A 92 10.73 13.77 -12.95
N VAL A 93 9.48 13.35 -12.70
CA VAL A 93 9.17 12.73 -11.41
C VAL A 93 9.77 11.33 -11.23
N ASP A 94 10.51 11.10 -10.16
CA ASP A 94 11.09 9.78 -9.92
C ASP A 94 9.92 8.79 -9.72
N PRO A 95 9.97 7.64 -10.38
CA PRO A 95 8.89 6.67 -10.28
C PRO A 95 8.57 6.20 -8.85
N VAL A 96 9.53 6.29 -7.93
CA VAL A 96 9.21 5.89 -6.54
C VAL A 96 8.05 6.72 -5.98
N ASN A 97 7.94 7.97 -6.42
CA ASN A 97 6.87 8.84 -5.91
C ASN A 97 5.50 8.29 -6.28
N PHE A 98 5.39 7.66 -7.45
CA PHE A 98 4.13 7.02 -7.86
C PHE A 98 3.82 5.80 -7.00
N LYS A 99 4.84 5.03 -6.64
CA LYS A 99 4.63 3.92 -5.70
C LYS A 99 4.04 4.45 -4.37
N PHE A 100 4.56 5.58 -3.90
CA PHE A 100 4.09 6.20 -2.65
C PHE A 100 2.63 6.63 -2.79
N LEU A 101 2.31 7.35 -3.88
CA LEU A 101 0.92 7.82 -4.08
C LEU A 101 -0.06 6.65 -4.23
N ASN A 102 0.30 5.67 -5.05
CA ASN A 102 -0.61 4.55 -5.30
C ASN A 102 -0.95 3.81 -4.02
N HIS A 103 0.07 3.57 -3.18
CA HIS A 103 -0.17 2.93 -1.89
C HIS A 103 -1.09 3.77 -1.01
N CYS A 104 -0.85 5.08 -0.98
CA CYS A 104 -1.69 5.98 -0.19
C CYS A 104 -3.14 6.07 -0.71
N LEU A 105 -3.33 5.95 -2.02
CA LEU A 105 -4.69 5.84 -2.57
C LEU A 105 -5.40 4.55 -2.11
N LEU A 106 -4.68 3.44 -2.13
CA LEU A 106 -5.27 2.18 -1.69
C LEU A 106 -5.61 2.20 -0.18
N VAL A 107 -4.73 2.80 0.63
CA VAL A 107 -5.02 2.97 2.06
C VAL A 107 -6.30 3.79 2.25
N THR A 108 -6.45 4.88 1.49
CA THR A 108 -7.64 5.73 1.56
C THR A 108 -8.92 4.96 1.20
N LEU A 109 -8.85 4.18 0.12
CA LEU A 109 -10.00 3.36 -0.29
C LEU A 109 -10.34 2.29 0.76
N ALA A 110 -9.30 1.66 1.34
CA ALA A 110 -9.53 0.65 2.39
C ALA A 110 -10.26 1.28 3.58
N ALA A 111 -9.88 2.51 3.92
CA ALA A 111 -10.49 3.19 5.06
C ALA A 111 -11.96 3.52 4.80
N HIS A 112 -12.28 3.98 3.60
CA HIS A 112 -13.65 4.40 3.32
C HIS A 112 -14.60 3.30 2.87
N LEU A 113 -14.06 2.28 2.21
CA LEU A 113 -14.92 1.25 1.61
C LEU A 113 -15.12 0.05 2.53
N GLY A 114 -14.22 -0.13 3.48
CA GLY A 114 -14.25 -1.27 4.42
C GLY A 114 -14.29 -2.62 3.73
N ALA A 115 -15.24 -3.45 4.15
CA ALA A 115 -15.47 -4.79 3.55
C ALA A 115 -15.67 -4.79 2.02
N ASP A 116 -16.20 -3.70 1.46
CA ASP A 116 -16.35 -3.58 -0.01
C ASP A 116 -15.00 -3.49 -0.75
N PHE A 117 -13.95 -3.17 -0.03
CA PHE A 117 -12.59 -3.16 -0.60
C PHE A 117 -12.07 -4.57 -0.44
N THR A 118 -12.57 -5.49 -1.26
CA THR A 118 -12.19 -6.89 -1.14
C THR A 118 -10.75 -7.16 -1.61
N PRO A 119 -10.17 -8.30 -1.22
CA PRO A 119 -8.82 -8.58 -1.70
C PRO A 119 -8.75 -8.57 -3.23
N SER A 120 -9.80 -9.07 -3.90
CA SER A 120 -9.86 -9.10 -5.37
C SER A 120 -9.94 -7.68 -5.96
N ILE A 121 -10.77 -6.83 -5.37
CA ILE A 121 -10.88 -5.42 -5.82
C ILE A 121 -9.57 -4.67 -5.58
N HIS A 122 -8.93 -4.94 -4.43
CA HIS A 122 -7.63 -4.36 -4.09
C HIS A 122 -6.57 -4.76 -5.15
N ALA A 123 -6.53 -6.04 -5.49
CA ALA A 123 -5.58 -6.50 -6.51
C ALA A 123 -5.78 -5.81 -7.87
N SER A 124 -7.04 -5.66 -8.29
CA SER A 124 -7.32 -5.04 -9.59
C SER A 124 -6.93 -3.56 -9.57
N LEU A 125 -7.26 -2.89 -8.46
CA LEU A 125 -6.89 -1.47 -8.32
C LEU A 125 -5.37 -1.24 -8.25
N ASP A 126 -4.66 -2.16 -7.60
CA ASP A 126 -3.21 -2.03 -7.57
C ASP A 126 -2.64 -2.13 -8.98
N LYS A 127 -3.17 -3.07 -9.77
CA LYS A 127 -2.70 -3.22 -11.15
C LYS A 127 -3.05 -1.96 -11.96
N PHE A 128 -4.25 -1.44 -11.79
CA PHE A 128 -4.68 -0.22 -12.50
C PHE A 128 -3.79 0.98 -12.18
N PHE A 129 -3.55 1.25 -10.89
CA PHE A 129 -2.71 2.41 -10.54
C PHE A 129 -1.28 2.22 -11.09
N ALA A 130 -0.78 0.99 -11.05
CA ALA A 130 0.58 0.70 -11.56
C ALA A 130 0.67 0.95 -13.04
N SER A 131 -0.39 0.57 -13.77
CA SER A 131 -0.44 0.78 -15.22
C SER A 131 -0.43 2.28 -15.55
N VAL A 132 -1.22 3.05 -14.81
CA VAL A 132 -1.24 4.51 -14.97
C VAL A 132 0.16 5.10 -14.72
N SER A 133 0.82 4.66 -13.65
CA SER A 133 2.17 5.14 -13.33
C SER A 133 3.18 4.84 -14.44
N THR A 134 3.13 3.63 -14.97
CA THR A 134 4.02 3.25 -16.06
C THR A 134 3.87 4.19 -17.25
N VAL A 135 2.61 4.55 -17.56
CA VAL A 135 2.38 5.48 -18.65
C VAL A 135 2.89 6.89 -18.34
N LEU A 136 2.58 7.39 -17.15
CA LEU A 136 2.94 8.78 -16.81
C LEU A 136 4.44 8.98 -16.68
N THR A 137 5.19 7.88 -16.53
CA THR A 137 6.65 7.97 -16.39
C THR A 137 7.39 7.55 -17.66
N SER A 138 6.63 7.25 -18.71
CA SER A 138 7.22 6.89 -20.00
C SER A 138 7.37 8.11 -20.90
N LYS A 139 8.39 8.08 -21.75
CA LYS A 139 8.54 9.10 -22.79
C LYS A 139 8.27 8.40 -24.11
N TYR A 140 7.11 8.65 -24.69
CA TYR A 140 6.71 7.94 -25.90
C TYR A 140 6.22 8.81 -27.00
N ARG A 141 5.67 9.98 -26.68
CA ARG A 141 5.37 10.99 -27.67
C ARG A 141 5.89 12.37 -27.23
N VAL B 1 15.96 2.05 11.72
CA VAL B 1 15.15 3.31 11.69
C VAL B 1 15.06 3.91 13.09
N HIS B 2 15.03 5.23 13.16
CA HIS B 2 14.83 5.90 14.44
C HIS B 2 13.39 6.36 14.52
N LEU B 3 12.71 6.06 15.62
CA LEU B 3 11.33 6.56 15.80
C LEU B 3 11.32 7.54 16.97
N THR B 4 10.59 8.63 16.82
CA THR B 4 10.41 9.60 17.91
C THR B 4 9.41 9.05 18.93
N ALA B 5 9.46 9.58 20.15
CA ALA B 5 8.43 9.18 21.14
C ALA B 5 7.00 9.38 20.63
N ALA B 6 6.76 10.48 19.91
CA ALA B 6 5.46 10.74 19.30
C ALA B 6 5.03 9.60 18.36
N GLU B 7 5.95 9.21 17.47
CA GLU B 7 5.67 8.11 16.54
C GLU B 7 5.41 6.79 17.26
N LYS B 8 6.25 6.48 18.24
CA LYS B 8 6.07 5.24 19.01
C LYS B 8 4.69 5.25 19.69
N SER B 9 4.26 6.40 20.20
CA SER B 9 2.97 6.48 20.88
C SER B 9 1.83 6.31 19.92
N ALA B 10 1.94 6.87 18.72
CA ALA B 10 0.89 6.70 17.72
C ALA B 10 0.73 5.21 17.37
N ILE B 11 1.86 4.53 17.23
CA ILE B 11 1.89 3.09 16.97
C ILE B 11 1.29 2.25 18.11
N LEU B 12 1.79 2.42 19.32
CA LEU B 12 1.38 1.57 20.42
C LEU B 12 -0.05 1.88 20.90
N ASP B 13 -0.48 3.13 20.80
CA ASP B 13 -1.87 3.47 21.15
C ASP B 13 -2.82 2.66 20.25
N LEU B 14 -2.59 2.67 18.94
CA LEU B 14 -3.46 1.90 18.04
C LEU B 14 -3.30 0.39 18.27
N TRP B 15 -2.07 -0.05 18.49
CA TRP B 15 -1.83 -1.49 18.63
C TRP B 15 -2.62 -2.11 19.78
N GLY B 16 -2.86 -1.33 20.83
CA GLY B 16 -3.64 -1.80 21.96
C GLY B 16 -5.09 -2.09 21.62
N LYS B 17 -5.52 -1.65 20.44
CA LYS B 17 -6.92 -1.81 20.00
C LYS B 17 -7.07 -2.88 18.93
N VAL B 18 -5.94 -3.41 18.49
CA VAL B 18 -5.87 -4.25 17.29
C VAL B 18 -6.08 -5.74 17.62
N ASN B 19 -6.81 -6.44 16.76
CA ASN B 19 -6.92 -7.91 16.85
C ASN B 19 -5.77 -8.46 16.02
N VAL B 20 -4.70 -8.87 16.68
CA VAL B 20 -3.45 -9.20 15.99
C VAL B 20 -3.63 -10.36 15.00
N GLY B 21 -4.32 -11.42 15.41
CA GLY B 21 -4.56 -12.56 14.52
C GLY B 21 -5.40 -12.23 13.29
N GLU B 22 -6.40 -11.36 13.46
CA GLU B 22 -7.30 -10.97 12.35
C GLU B 22 -6.53 -10.07 11.37
N ILE B 23 -5.76 -9.12 11.88
CA ILE B 23 -4.89 -8.30 11.01
C ILE B 23 -3.92 -9.18 10.24
N GLY B 24 -3.34 -10.15 10.95
CA GLY B 24 -2.36 -11.06 10.33
C GLY B 24 -2.99 -11.91 9.23
N ALA B 25 -4.16 -12.49 9.50
CA ALA B 25 -4.79 -13.31 8.50
C ALA B 25 -5.10 -12.47 7.25
N GLU B 26 -5.59 -11.24 7.46
CA GLU B 26 -5.94 -10.38 6.32
C GLU B 26 -4.69 -9.92 5.56
N ALA B 27 -3.65 -9.57 6.30
CA ALA B 27 -2.45 -9.06 5.64
C ALA B 27 -1.78 -10.13 4.78
N LEU B 28 -1.60 -11.33 5.35
CA LEU B 28 -0.99 -12.40 4.57
C LEU B 28 -1.91 -12.81 3.39
N GLY B 29 -3.21 -12.85 3.62
CA GLY B 29 -4.16 -13.18 2.54
C GLY B 29 -4.05 -12.18 1.40
N ARG B 30 -4.04 -10.90 1.74
CA ARG B 30 -3.90 -9.87 0.70
C ARG B 30 -2.55 -9.97 -0.01
N LEU B 31 -1.47 -10.27 0.72
CA LEU B 31 -0.16 -10.47 0.06
C LEU B 31 -0.27 -11.52 -1.06
N LEU B 32 -0.89 -12.66 -0.74
CA LEU B 32 -0.98 -13.79 -1.69
C LEU B 32 -1.89 -13.49 -2.88
N VAL B 33 -2.94 -12.69 -2.64
CA VAL B 33 -3.89 -12.34 -3.71
C VAL B 33 -3.33 -11.25 -4.61
N VAL B 34 -2.72 -10.22 -4.00
CA VAL B 34 -2.26 -9.04 -4.73
C VAL B 34 -0.94 -9.26 -5.48
N TYR B 35 -0.09 -10.11 -4.90
CA TYR B 35 1.28 -10.36 -5.38
C TYR B 35 1.47 -11.87 -5.48
N PRO B 36 0.87 -12.47 -6.51
CA PRO B 36 0.66 -13.92 -6.53
C PRO B 36 1.93 -14.77 -6.53
N TRP B 37 3.05 -14.22 -6.98
CA TRP B 37 4.30 -14.99 -6.95
C TRP B 37 4.69 -15.36 -5.51
N THR B 38 4.17 -14.63 -4.53
CA THR B 38 4.51 -14.95 -3.14
C THR B 38 3.97 -16.34 -2.73
N GLN B 39 2.98 -16.83 -3.47
CA GLN B 39 2.40 -18.16 -3.21
C GLN B 39 3.44 -19.27 -3.35
N ARG B 40 4.49 -19.04 -4.14
CA ARG B 40 5.52 -20.06 -4.33
C ARG B 40 6.13 -20.53 -3.01
N PHE B 41 6.18 -19.63 -2.01
CA PHE B 41 6.77 -19.96 -0.72
C PHE B 41 5.87 -20.78 0.18
N PHE B 42 4.58 -20.85 -0.17
CA PHE B 42 3.57 -21.44 0.71
C PHE B 42 2.76 -22.57 0.02
N GLU B 43 3.36 -23.26 -0.95
CA GLU B 43 2.66 -24.35 -1.65
C GLU B 43 2.03 -25.39 -0.72
N LYS B 44 2.73 -25.70 0.36
CA LYS B 44 2.28 -26.74 1.29
C LYS B 44 0.92 -26.42 1.92
N PHE B 45 0.49 -25.16 1.85
CA PHE B 45 -0.76 -24.74 2.49
C PHE B 45 -2.03 -25.30 1.84
N GLY B 46 -1.97 -25.66 0.56
CA GLY B 46 -3.14 -26.14 -0.17
C GLY B 46 -3.41 -25.31 -1.41
N ASP B 47 -4.66 -25.31 -1.88
CA ASP B 47 -5.06 -24.55 -3.06
C ASP B 47 -4.98 -23.05 -2.79
N LEU B 48 -4.12 -22.36 -3.53
CA LEU B 48 -4.03 -20.90 -3.47
C LEU B 48 -4.32 -20.26 -4.83
N SER B 49 -5.09 -20.96 -5.69
CA SER B 49 -5.26 -20.55 -7.08
C SER B 49 -6.41 -19.56 -7.31
N SER B 50 -7.09 -19.16 -6.23
CA SER B 50 -8.11 -18.12 -6.35
C SER B 50 -8.12 -17.29 -5.08
N ALA B 51 -8.64 -16.06 -5.17
CA ALA B 51 -8.82 -15.25 -3.97
C ALA B 51 -9.71 -15.97 -2.95
N SER B 52 -10.77 -16.59 -3.45
CA SER B 52 -11.68 -17.34 -2.59
C SER B 52 -10.92 -18.40 -1.79
N ALA B 53 -10.07 -19.16 -2.46
CA ALA B 53 -9.31 -20.22 -1.79
C ALA B 53 -8.31 -19.64 -0.76
N ILE B 54 -7.58 -18.62 -1.17
CA ILE B 54 -6.58 -18.02 -0.27
C ILE B 54 -7.20 -17.51 1.01
N MET B 55 -8.37 -16.86 0.88
CA MET B 55 -8.97 -16.17 2.03
C MET B 55 -9.75 -17.08 2.96
N SER B 56 -9.91 -18.36 2.57
CA SER B 56 -10.58 -19.33 3.41
C SER B 56 -9.59 -20.35 3.99
N ASN B 57 -8.35 -20.31 3.50
CA ASN B 57 -7.36 -21.32 3.86
C ASN B 57 -6.94 -21.20 5.33
N ALA B 58 -7.07 -22.28 6.09
CA ALA B 58 -6.75 -22.24 7.53
C ALA B 58 -5.27 -21.99 7.85
N HIS B 59 -4.39 -22.47 6.99
CA HIS B 59 -2.97 -22.27 7.23
C HIS B 59 -2.57 -20.83 6.96
N VAL B 60 -3.18 -20.20 5.96
CA VAL B 60 -2.96 -18.76 5.74
C VAL B 60 -3.38 -17.98 6.99
N LYS B 61 -4.52 -18.36 7.58
CA LYS B 61 -4.99 -17.67 8.80
C LYS B 61 -4.05 -17.86 9.98
N SER B 62 -3.64 -19.11 10.21
CA SER B 62 -2.76 -19.39 11.34
C SER B 62 -1.35 -18.83 11.15
N HIS B 63 -0.83 -18.91 9.93
CA HIS B 63 0.49 -18.36 9.69
C HIS B 63 0.50 -16.82 9.76
N GLY B 64 -0.56 -16.21 9.23
CA GLY B 64 -0.71 -14.76 9.32
C GLY B 64 -0.68 -14.30 10.75
N ALA B 65 -1.36 -15.04 11.61
CA ALA B 65 -1.36 -14.69 13.05
C ALA B 65 0.02 -14.82 13.66
N LYS B 66 0.74 -15.86 13.28
CA LYS B 66 2.10 -16.06 13.75
C LYS B 66 3.01 -14.91 13.31
N VAL B 67 2.86 -14.46 12.06
CA VAL B 67 3.67 -13.36 11.53
C VAL B 67 3.39 -12.10 12.35
N LEU B 68 2.11 -11.84 12.62
CA LEU B 68 1.75 -10.61 13.34
C LEU B 68 2.12 -10.67 14.82
N ALA B 69 2.14 -11.86 15.43
CA ALA B 69 2.66 -11.95 16.80
C ALA B 69 4.15 -11.64 16.82
N SER B 70 4.86 -12.05 15.78
CA SER B 70 6.28 -11.76 15.67
C SER B 70 6.52 -10.25 15.51
N PHE B 71 5.69 -9.63 14.68
CA PHE B 71 5.69 -8.18 14.52
C PHE B 71 5.42 -7.48 15.87
N SER B 72 4.44 -7.98 16.63
CA SER B 72 4.13 -7.44 17.95
C SER B 72 5.32 -7.48 18.88
N GLU B 73 6.04 -8.60 18.88
CA GLU B 73 7.25 -8.73 19.69
C GLU B 73 8.26 -7.67 19.28
N GLY B 74 8.38 -7.42 17.97
CA GLY B 74 9.24 -6.38 17.46
C GLY B 74 8.92 -4.99 18.03
N LEU B 75 7.62 -4.74 18.22
CA LEU B 75 7.18 -3.44 18.74
C LEU B 75 7.65 -3.23 20.19
N LYS B 76 8.11 -4.31 20.84
CA LYS B 76 8.66 -4.23 22.19
C LYS B 76 10.15 -3.95 22.17
N HIS B 77 10.72 -3.92 20.97
CA HIS B 77 12.18 -3.82 20.83
C HIS B 77 12.58 -2.85 19.74
N LEU B 78 11.95 -1.67 19.76
CA LEU B 78 12.08 -0.70 18.68
C LEU B 78 13.47 -0.09 18.55
N GLN B 79 14.29 -0.25 19.59
CA GLN B 79 15.65 0.27 19.55
C GLN B 79 16.64 -0.82 19.16
N ASP B 80 16.14 -2.01 18.85
CA ASP B 80 17.03 -3.08 18.46
C ASP B 80 16.32 -4.05 17.53
N LEU B 81 15.76 -3.53 16.43
CA LEU B 81 15.06 -4.39 15.50
C LEU B 81 16.01 -5.39 14.83
N LYS B 82 17.20 -4.95 14.45
CA LYS B 82 18.18 -5.86 13.85
C LYS B 82 18.47 -7.07 14.74
N GLY B 83 18.70 -6.85 16.03
CA GLY B 83 18.97 -7.98 16.93
C GLY B 83 17.75 -8.87 17.14
N THR B 84 16.59 -8.25 17.33
CA THR B 84 15.32 -8.94 17.53
C THR B 84 15.01 -9.88 16.37
N PHE B 85 15.27 -9.42 15.14
CA PHE B 85 14.93 -10.18 13.95
C PHE B 85 16.08 -10.94 13.32
N ALA B 86 17.22 -11.02 14.01
CA ALA B 86 18.41 -11.70 13.47
C ALA B 86 18.19 -13.16 13.07
N LYS B 87 17.53 -13.93 13.91
CA LYS B 87 17.31 -15.35 13.65
C LYS B 87 16.35 -15.52 12.49
N LEU B 88 15.31 -14.69 12.46
CA LEU B 88 14.36 -14.72 11.35
C LEU B 88 14.99 -14.23 10.07
N SER B 89 15.95 -13.30 10.17
CA SER B 89 16.68 -12.85 8.97
C SER B 89 17.50 -14.00 8.38
N GLU B 90 18.23 -14.71 9.23
CA GLU B 90 18.92 -15.93 8.77
C GLU B 90 17.96 -16.89 8.06
N LEU B 91 16.79 -17.10 8.63
CA LEU B 91 15.83 -18.01 8.02
C LEU B 91 15.37 -17.52 6.66
N HIS B 92 14.90 -16.28 6.61
CA HIS B 92 14.24 -15.81 5.39
C HIS B 92 15.25 -15.55 4.28
N CYS B 93 16.49 -15.23 4.66
CA CYS B 93 17.52 -14.87 3.66
C CYS B 93 18.32 -16.09 3.26
N ASP B 94 18.99 -16.71 4.22
CA ASP B 94 19.92 -17.82 3.91
C ASP B 94 19.18 -19.12 3.59
N LYS B 95 18.05 -19.37 4.24
CA LYS B 95 17.32 -20.62 3.99
C LYS B 95 16.24 -20.48 2.93
N LEU B 96 15.46 -19.41 2.99
CA LEU B 96 14.29 -19.30 2.11
C LEU B 96 14.54 -18.43 0.86
N HIS B 97 15.56 -17.59 0.92
CA HIS B 97 15.91 -16.69 -0.19
C HIS B 97 14.76 -15.79 -0.63
N VAL B 98 14.03 -15.25 0.34
CA VAL B 98 12.95 -14.32 0.02
C VAL B 98 13.54 -12.97 -0.37
N ASP B 99 13.16 -12.48 -1.55
CA ASP B 99 13.66 -11.18 -1.96
C ASP B 99 13.09 -10.13 -1.03
N PRO B 100 13.96 -9.24 -0.52
CA PRO B 100 13.55 -8.27 0.49
C PRO B 100 12.40 -7.34 0.09
N GLU B 101 12.21 -7.09 -1.21
CA GLU B 101 11.07 -6.25 -1.60
C GLU B 101 9.78 -6.85 -1.02
N ASN B 102 9.71 -8.18 -0.96
CA ASN B 102 8.51 -8.84 -0.42
C ASN B 102 8.26 -8.57 1.05
N PHE B 103 9.32 -8.36 1.85
CA PHE B 103 9.11 -7.89 3.23
C PHE B 103 8.37 -6.53 3.29
N ARG B 104 8.73 -5.61 2.38
CA ARG B 104 8.11 -4.29 2.33
C ARG B 104 6.64 -4.40 1.87
N LEU B 105 6.39 -5.27 0.90
CA LEU B 105 5.01 -5.49 0.46
C LEU B 105 4.14 -6.02 1.62
N LEU B 106 4.66 -6.97 2.41
CA LEU B 106 3.84 -7.51 3.51
C LEU B 106 3.56 -6.42 4.55
N GLY B 107 4.57 -5.57 4.81
CA GLY B 107 4.38 -4.41 5.67
C GLY B 107 3.26 -3.52 5.17
N ASN B 108 3.25 -3.28 3.86
CA ASN B 108 2.17 -2.49 3.28
C ASN B 108 0.80 -3.16 3.38
N MET B 109 0.77 -4.49 3.37
CA MET B 109 -0.51 -5.19 3.59
C MET B 109 -1.01 -5.05 5.04
N ILE B 110 -0.10 -5.04 6.01
CA ILE B 110 -0.47 -4.77 7.41
C ILE B 110 -1.08 -3.36 7.53
N VAL B 111 -0.45 -2.39 6.86
CA VAL B 111 -0.97 -1.02 6.83
C VAL B 111 -2.40 -0.96 6.24
N ILE B 112 -2.63 -1.63 5.12
CA ILE B 112 -3.94 -1.68 4.51
C ILE B 112 -4.98 -2.37 5.41
N ALA B 113 -4.59 -3.47 6.08
CA ALA B 113 -5.51 -4.14 7.02
C ALA B 113 -5.89 -3.22 8.19
N LEU B 114 -4.92 -2.47 8.72
CA LEU B 114 -5.19 -1.49 9.79
C LEU B 114 -6.15 -0.38 9.34
N ALA B 115 -5.94 0.17 8.15
CA ALA B 115 -6.84 1.18 7.62
C ALA B 115 -8.26 0.63 7.47
N HIS B 116 -8.38 -0.62 6.99
CA HIS B 116 -9.66 -1.28 6.77
C HIS B 116 -10.45 -1.40 8.09
N HIS B 117 -9.77 -1.79 9.17
CA HIS B 117 -10.47 -2.11 10.41
C HIS B 117 -10.49 -0.99 11.44
N HIS B 118 -9.64 0.01 11.25
CA HIS B 118 -9.53 1.14 12.21
C HIS B 118 -9.47 2.47 11.49
N PRO B 119 -10.46 2.75 10.63
CA PRO B 119 -10.35 3.95 9.81
C PRO B 119 -10.25 5.27 10.60
N SER B 120 -11.03 5.41 11.66
CA SER B 120 -11.00 6.66 12.42
C SER B 120 -9.66 6.90 13.10
N GLU B 121 -9.06 5.82 13.61
CA GLU B 121 -7.77 5.93 14.27
C GLU B 121 -6.60 6.00 13.31
N PHE B 122 -6.79 5.49 12.09
CA PHE B 122 -5.68 5.41 11.14
C PHE B 122 -5.54 6.71 10.35
N THR B 123 -5.23 7.79 11.07
CA THR B 123 -5.08 9.11 10.50
C THR B 123 -3.81 9.19 9.66
N PRO B 124 -3.65 10.27 8.87
CA PRO B 124 -2.41 10.37 8.09
C PRO B 124 -1.16 10.35 8.98
N CYS B 125 -1.17 11.02 10.12
CA CYS B 125 -0.01 10.99 11.02
C CYS B 125 0.27 9.59 11.60
N THR B 126 -0.78 8.88 11.97
CA THR B 126 -0.60 7.54 12.52
C THR B 126 -0.12 6.58 11.44
N GLN B 127 -0.69 6.69 10.24
CA GLN B 127 -0.13 5.92 9.11
C GLN B 127 1.37 6.18 8.93
N ALA B 128 1.78 7.44 9.00
CA ALA B 128 3.18 7.80 8.75
C ALA B 128 4.12 7.07 9.73
N ALA B 129 3.69 7.02 10.99
CA ALA B 129 4.45 6.31 12.02
C ALA B 129 4.53 4.81 11.67
N PHE B 130 3.41 4.21 11.29
CA PHE B 130 3.44 2.80 10.89
C PHE B 130 4.29 2.53 9.66
N GLN B 131 4.31 3.46 8.71
CA GLN B 131 5.18 3.24 7.54
C GLN B 131 6.63 3.14 7.98
N LYS B 132 7.04 3.94 8.97
CA LYS B 132 8.42 3.89 9.44
C LYS B 132 8.74 2.55 10.11
N VAL B 133 7.82 2.01 10.89
CA VAL B 133 8.10 0.79 11.64
C VAL B 133 8.04 -0.44 10.71
N THR B 134 7.12 -0.45 9.73
CA THR B 134 7.12 -1.56 8.77
C THR B 134 8.38 -1.56 7.90
N ALA B 135 8.86 -0.37 7.53
CA ALA B 135 10.12 -0.25 6.81
C ALA B 135 11.27 -0.75 7.67
N GLY B 136 11.23 -0.39 8.96
CA GLY B 136 12.28 -0.85 9.88
C GLY B 136 12.34 -2.37 10.03
N VAL B 137 11.16 -2.99 10.14
CA VAL B 137 11.08 -4.44 10.29
C VAL B 137 11.58 -5.10 8.99
N ALA B 138 11.19 -4.54 7.84
CA ALA B 138 11.68 -5.08 6.56
C ALA B 138 13.21 -4.98 6.46
N ASN B 139 13.77 -3.84 6.86
CA ASN B 139 15.22 -3.66 6.82
C ASN B 139 15.94 -4.65 7.73
N ALA B 140 15.37 -4.89 8.92
CA ALA B 140 15.94 -5.83 9.86
C ALA B 140 15.91 -7.26 9.32
N LEU B 141 14.79 -7.63 8.66
CA LEU B 141 14.66 -8.97 8.09
C LEU B 141 15.64 -9.16 6.93
N ALA B 142 16.01 -8.06 6.29
CA ALA B 142 16.87 -8.13 5.11
C ALA B 142 18.36 -8.03 5.49
N HIS B 143 18.66 -7.84 6.78
CA HIS B 143 20.03 -7.50 7.19
C HIS B 143 21.08 -8.54 6.77
N LYS B 144 20.73 -9.81 6.79
CA LYS B 144 21.68 -10.86 6.38
C LYS B 144 22.09 -10.79 4.90
N TYR B 145 21.35 -10.01 4.11
CA TYR B 145 21.73 -9.78 2.72
C TYR B 145 22.88 -8.79 2.57
N HIS B 146 23.07 -7.94 3.57
CA HIS B 146 23.95 -6.79 3.42
C HIS B 146 25.33 -7.05 4.01
CHA HEM C . 0.05 17.89 -12.30
CHB HEM C . -2.41 13.75 -12.61
CHC HEM C . 0.97 11.45 -9.93
CHD HEM C . 3.35 15.69 -9.38
C1A HEM C . -0.93 16.98 -12.57
C2A HEM C . -2.14 17.26 -13.31
C3A HEM C . -2.83 16.11 -13.39
C4A HEM C . -2.07 15.08 -12.72
CMA HEM C . -4.19 15.88 -14.05
CAA HEM C . -2.54 18.65 -13.85
CBA HEM C . -1.90 18.88 -15.21
CGA HEM C . -2.31 20.23 -15.77
O1A HEM C . -2.85 21.06 -14.96
O2A HEM C . -2.11 20.44 -16.99
C1B HEM C . -1.70 12.76 -11.94
C2B HEM C . -2.09 11.38 -11.82
C3B HEM C . -1.16 10.75 -11.07
C4B HEM C . -0.15 11.71 -10.69
CMB HEM C . -3.35 10.74 -12.46
CAB HEM C . -1.13 9.26 -10.67
CBB HEM C . -2.20 8.67 -10.10
C1C HEM C . 1.88 12.43 -9.53
C2C HEM C . 2.95 12.23 -8.57
C3C HEM C . 3.61 13.39 -8.43
C4C HEM C . 2.96 14.37 -9.26
CMC HEM C . 3.27 10.88 -7.90
CAC HEM C . 4.82 13.72 -7.53
CBC HEM C . 4.90 13.21 -6.30
C1D HEM C . 2.68 16.64 -10.10
C2D HEM C . 3.07 18.04 -10.16
C3D HEM C . 2.06 18.71 -11.06
C4D HEM C . 1.15 17.68 -11.48
CMD HEM C . 4.27 18.67 -9.44
CAD HEM C . 2.03 20.18 -11.48
CBD HEM C . 1.75 21.05 -10.26
CGD HEM C . 0.32 21.52 -10.34
O1D HEM C . -0.02 22.46 -9.57
O2D HEM C . -0.50 20.99 -11.15
NA HEM C . -0.90 15.63 -12.23
NB HEM C . -0.51 12.94 -11.24
NC HEM C . 1.91 13.76 -9.93
ND HEM C . 1.54 16.47 -10.91
FE HEM C . 0.55 14.69 -11.11
P PO4 D . 6.49 1.73 -0.35
O1 PO4 D . 7.55 2.05 -1.37
O2 PO4 D . 6.80 2.44 0.96
O3 PO4 D . 5.12 2.17 -0.85
O4 PO4 D . 6.47 0.24 -0.08
CHA HEM E . 8.24 -18.34 8.49
CHB HEM E . 7.81 -13.83 10.29
CHC HEM E . 7.74 -12.03 5.75
CHD HEM E . 7.94 -16.57 3.93
C1A HEM E . 8.09 -17.28 9.35
C2A HEM E . 7.96 -17.38 10.79
C3A HEM E . 7.85 -16.15 11.28
C4A HEM E . 7.88 -15.20 10.19
CMA HEM E . 7.68 -15.76 12.76
CAA HEM E . 7.97 -18.73 11.59
CBA HEM E . 9.41 -19.11 11.89
CGA HEM E . 9.53 -20.50 12.48
O1A HEM E . 8.75 -21.41 12.09
O2A HEM E . 10.43 -20.72 13.33
C1B HEM E . 7.78 -12.96 9.21
C2B HEM E . 7.70 -11.53 9.32
C3B HEM E . 7.67 -11.02 8.08
C4B HEM E . 7.75 -12.13 7.13
CMB HEM E . 7.65 -10.76 10.67
CAB HEM E . 7.57 -9.54 7.68
CBB HEM E . 6.78 -8.72 8.37
C1C HEM E . 7.75 -13.10 4.87
C2C HEM E . 7.60 -13.03 3.44
C3C HEM E . 7.65 -14.27 2.96
C4C HEM E . 7.83 -15.19 4.06
CMC HEM E . 7.41 -11.71 2.66
CAC HEM E . 7.53 -14.76 1.49
CBC HEM E . 6.85 -14.06 0.56
C1D HEM E . 8.01 -17.45 5.00
C2D HEM E . 8.00 -18.88 4.84
C3D HEM E . 8.10 -19.45 6.25
C4D HEM E . 8.15 -18.30 7.12
CMD HEM E . 7.92 -19.68 3.52
CAD HEM E . 8.11 -20.95 6.62
CBD HEM E . 6.65 -21.39 6.56
CGD HEM E . 6.48 -22.88 6.78
O1D HEM E . 6.62 -23.65 5.79
O2D HEM E . 6.17 -23.28 7.94
NA HEM E . 8.04 -15.92 9.02
NB HEM E . 7.80 -13.31 7.87
NC HEM E . 7.89 -14.44 5.23
ND HEM E . 8.12 -17.13 6.36
FE HEM E . 8.02 -15.19 7.07
P PO4 F . -3.70 12.90 14.61
O1 PO4 F . -2.59 13.67 15.27
O2 PO4 F . -4.91 12.92 15.52
O3 PO4 F . -4.12 13.52 13.30
O4 PO4 F . -3.22 11.47 14.47
P PO4 G . 17.63 -0.93 14.35
O1 PO4 G . 18.71 0.13 14.37
O2 PO4 G . 16.59 -0.65 15.42
O3 PO4 G . 16.95 -0.91 13.01
O4 PO4 G . 18.28 -2.28 14.60
P PO4 H . -12.29 3.25 14.09
O1 PO4 H . -10.79 3.42 14.25
O2 PO4 H . -12.97 3.88 15.30
O3 PO4 H . -12.86 3.89 12.85
O4 PO4 H . -12.65 1.77 14.07
#